data_8DYM
#
_entry.id   8DYM
#
_entity_poly.entity_id   1
_entity_poly.type   'polypeptide(L)'
_entity_poly.pdbx_seq_one_letter_code
;HTDGQTNTVTDGGDGRYTNKDSDTDHRED
;
_entity_poly.pdbx_strand_id   A
#
# COMPACT_ATOMS: atom_id res chain seq x y z
N HIS A 1 16.44 4.56 9.39
CA HIS A 1 17.82 3.97 9.28
C HIS A 1 17.80 3.09 8.02
N THR A 2 17.92 3.79 6.84
CA THR A 2 16.83 3.71 5.85
C THR A 2 16.70 2.44 4.97
N ASP A 3 16.83 1.24 5.62
CA ASP A 3 16.27 -0.01 5.10
C ASP A 3 14.74 -0.04 5.47
N GLY A 4 13.99 -0.90 4.72
CA GLY A 4 12.66 -1.32 5.12
C GLY A 4 11.52 -0.62 4.37
N GLN A 5 10.40 -1.43 4.24
CA GLN A 5 9.18 -1.01 3.57
C GLN A 5 8.22 -0.26 4.52
N THR A 6 7.35 0.60 3.90
CA THR A 6 6.16 1.13 4.56
C THR A 6 4.96 0.17 4.31
N ASN A 7 3.81 0.45 5.04
CA ASN A 7 2.65 -0.44 4.93
C ASN A 7 1.76 0.09 3.78
N THR A 8 1.19 -0.88 3.00
CA THR A 8 0.67 -0.61 1.66
C THR A 8 -0.53 -1.55 1.48
N VAL A 9 -1.76 -0.93 1.56
CA VAL A 9 -2.94 -1.53 0.97
C VAL A 9 -3.71 -0.41 0.25
N THR A 10 -4.57 -0.81 -0.74
CA THR A 10 -5.48 0.14 -1.39
C THR A 10 -6.79 -0.60 -1.65
N ASP A 11 -7.93 0.17 -1.58
CA ASP A 11 -9.27 -0.43 -1.69
C ASP A 11 -10.07 0.27 -2.82
N GLY A 12 -9.28 0.86 -3.79
CA GLY A 12 -9.82 1.05 -5.13
C GLY A 12 -10.89 2.12 -5.28
N GLY A 13 -11.00 3.01 -4.24
CA GLY A 13 -12.05 4.01 -4.17
C GLY A 13 -13.38 3.39 -3.69
N ASP A 14 -13.85 2.39 -4.51
CA ASP A 14 -14.90 1.50 -4.06
C ASP A 14 -15.12 0.37 -5.05
N GLY A 15 -16.47 0.19 -5.19
CA GLY A 15 -17.06 -0.76 -6.12
C GLY A 15 -17.97 -1.78 -5.45
N ARG A 16 -17.61 -2.19 -4.18
CA ARG A 16 -18.33 -3.24 -3.43
C ARG A 16 -18.04 -4.69 -3.89
N TYR A 17 -17.14 -4.83 -4.91
CA TYR A 17 -16.48 -6.12 -5.16
C TYR A 17 -15.10 -6.04 -4.46
N THR A 18 -14.32 -7.16 -4.56
CA THR A 18 -12.98 -7.30 -3.97
C THR A 18 -11.94 -6.51 -4.79
N ASN A 19 -12.16 -5.14 -4.80
CA ASN A 19 -11.27 -4.17 -5.47
C ASN A 19 -10.06 -3.86 -4.53
N LYS A 20 -9.38 -4.99 -4.12
CA LYS A 20 -8.22 -4.94 -3.23
C LYS A 20 -6.96 -4.72 -4.10
N ASP A 21 -6.52 -3.41 -4.14
CA ASP A 21 -5.26 -3.06 -4.77
C ASP A 21 -4.10 -3.17 -3.75
N SER A 22 -2.85 -3.23 -4.34
CA SER A 22 -1.62 -3.19 -3.57
C SER A 22 -0.79 -2.00 -4.10
N ASP A 23 0.49 -1.92 -3.60
CA ASP A 23 1.35 -0.74 -3.68
C ASP A 23 2.76 -1.20 -3.28
N THR A 24 3.73 -0.22 -3.32
CA THR A 24 4.88 -0.31 -2.40
C THR A 24 5.08 1.09 -1.81
N ASP A 25 5.95 1.14 -0.76
CA ASP A 25 6.53 2.36 -0.24
C ASP A 25 7.69 1.92 0.66
N HIS A 26 8.64 2.85 0.90
CA HIS A 26 9.85 2.53 1.63
C HIS A 26 10.22 3.77 2.47
N ARG A 27 11.28 3.59 3.36
CA ARG A 27 12.06 4.77 3.65
C ARG A 27 12.92 5.00 2.38
N GLU A 28 12.39 5.95 1.52
CA GLU A 28 12.92 6.07 0.15
C GLU A 28 14.38 6.62 0.28
N ASP A 29 15.36 5.67 0.10
CA ASP A 29 16.70 5.87 0.67
C ASP A 29 17.69 5.05 -0.08
N HIS A 1 18.06 -2.21 3.39
CA HIS A 1 18.02 -3.35 4.38
C HIS A 1 17.45 -2.84 5.72
N THR A 2 16.62 -1.77 5.46
CA THR A 2 16.19 -0.84 6.49
C THR A 2 14.78 -0.30 6.21
N ASP A 3 14.14 -0.89 5.12
CA ASP A 3 13.16 -0.12 4.39
C ASP A 3 11.88 0.12 5.24
N GLY A 4 11.37 1.40 5.11
CA GLY A 4 10.22 1.84 5.83
C GLY A 4 8.95 1.36 5.14
N GLN A 5 8.62 0.05 5.40
CA GLN A 5 7.54 -0.65 4.69
C GLN A 5 6.14 -0.28 5.29
N THR A 6 5.88 1.08 5.30
CA THR A 6 4.66 1.75 5.71
C THR A 6 3.50 1.57 4.70
N ASN A 7 3.10 0.25 4.53
CA ASN A 7 2.16 -0.12 3.48
C ASN A 7 0.73 0.34 3.84
N THR A 8 -0.07 0.57 2.74
CA THR A 8 -1.41 1.15 2.85
C THR A 8 -2.37 0.36 1.94
N VAL A 9 -3.69 0.39 2.36
CA VAL A 9 -4.78 -0.24 1.61
C VAL A 9 -5.78 0.90 1.31
N THR A 10 -6.46 0.79 0.11
CA THR A 10 -7.45 1.77 -0.32
C THR A 10 -8.78 1.06 -0.64
N ASP A 11 -9.88 1.88 -0.57
CA ASP A 11 -11.12 1.60 -1.31
C ASP A 11 -11.19 2.50 -2.58
N GLY A 12 -10.68 3.77 -2.41
CA GLY A 12 -10.69 4.74 -3.49
C GLY A 12 -9.66 4.31 -4.55
N GLY A 13 -10.22 3.50 -5.53
CA GLY A 13 -9.41 2.80 -6.48
C GLY A 13 -10.26 1.66 -7.03
N ASP A 14 -10.30 0.53 -6.22
CA ASP A 14 -11.43 -0.40 -6.33
C ASP A 14 -11.21 -1.74 -5.65
N GLY A 15 -11.97 -2.66 -6.34
CA GLY A 15 -12.36 -3.96 -5.84
C GLY A 15 -13.71 -3.78 -5.16
N ARG A 16 -14.71 -4.63 -5.56
CA ARG A 16 -16.04 -4.60 -4.96
C ARG A 16 -16.55 -6.05 -4.74
N TYR A 17 -15.56 -6.94 -4.39
CA TYR A 17 -15.89 -8.14 -3.62
C TYR A 17 -15.35 -7.84 -2.21
N THR A 18 -14.00 -8.02 -2.04
CA THR A 18 -13.25 -7.17 -1.11
C THR A 18 -12.77 -5.95 -1.94
N ASN A 19 -12.31 -4.89 -1.19
CA ASN A 19 -11.53 -3.81 -1.77
C ASN A 19 -10.06 -4.26 -1.85
N LYS A 20 -9.28 -3.65 -2.82
CA LYS A 20 -7.94 -4.17 -3.06
C LYS A 20 -6.98 -3.22 -3.81
N ASP A 21 -7.24 -1.87 -3.75
CA ASP A 21 -6.14 -0.96 -4.07
C ASP A 21 -5.18 -0.91 -2.86
N SER A 22 -3.90 -0.50 -3.14
CA SER A 22 -2.86 -0.52 -2.13
C SER A 22 -1.79 0.52 -2.47
N ASP A 23 -0.84 0.69 -1.51
CA ASP A 23 0.11 1.81 -1.53
C ASP A 23 1.30 1.45 -0.61
N THR A 24 2.44 2.14 -0.87
CA THR A 24 3.71 1.88 -0.17
C THR A 24 4.41 3.25 -0.07
N ASP A 25 5.37 3.36 0.90
CA ASP A 25 5.99 4.62 1.33
C ASP A 25 7.53 4.57 1.23
N HIS A 26 8.11 3.42 1.69
CA HIS A 26 9.56 3.13 1.65
C HIS A 26 10.34 4.08 2.61
N ARG A 27 11.71 3.96 2.59
CA ARG A 27 12.62 4.97 3.12
C ARG A 27 14.04 4.82 2.53
N GLU A 28 14.87 5.88 2.77
CA GLU A 28 16.11 6.13 2.03
C GLU A 28 17.28 5.27 2.60
N ASP A 29 17.07 3.91 2.58
CA ASP A 29 18.13 2.96 2.86
C ASP A 29 19.04 2.88 1.69
N HIS A 1 17.56 6.59 3.59
CA HIS A 1 18.40 5.89 2.54
C HIS A 1 18.71 4.44 2.98
N THR A 2 17.61 3.85 3.55
CA THR A 2 17.64 2.56 4.24
C THR A 2 16.27 1.91 4.00
N ASP A 3 16.32 0.62 3.48
CA ASP A 3 15.07 -0.01 3.03
C ASP A 3 14.15 -0.24 4.26
N GLY A 4 12.82 -0.18 3.95
CA GLY A 4 11.81 -0.53 4.92
C GLY A 4 10.59 -1.04 4.17
N GLN A 5 9.90 -2.03 4.83
CA GLN A 5 8.72 -2.65 4.24
C GLN A 5 7.48 -2.12 5.01
N THR A 6 7.38 -0.76 4.95
CA THR A 6 6.29 0.00 5.54
C THR A 6 5.03 -0.24 4.69
N ASN A 7 4.27 -1.31 5.11
CA ASN A 7 3.17 -1.80 4.27
C ASN A 7 2.07 -0.72 4.19
N THR A 8 1.97 -0.10 2.96
CA THR A 8 0.95 0.89 2.68
C THR A 8 -0.35 0.16 2.25
N VAL A 9 -1.48 0.94 2.30
CA VAL A 9 -2.68 0.56 1.57
C VAL A 9 -3.16 1.79 0.77
N THR A 10 -3.86 1.48 -0.37
CA THR A 10 -4.53 2.51 -1.18
C THR A 10 -6.01 2.64 -0.71
N ASP A 11 -6.85 3.35 -1.52
CA ASP A 11 -8.22 3.75 -1.20
C ASP A 11 -9.21 2.54 -1.29
N GLY A 12 -10.45 2.77 -1.84
CA GLY A 12 -11.32 1.66 -2.16
C GLY A 12 -12.43 2.06 -3.14
N GLY A 13 -12.01 2.70 -4.28
CA GLY A 13 -12.92 3.30 -5.27
C GLY A 13 -13.67 2.26 -6.12
N ASP A 14 -14.52 1.47 -5.40
CA ASP A 14 -15.19 0.32 -5.97
C ASP A 14 -16.13 -0.21 -4.92
N GLY A 15 -15.50 -1.24 -4.27
CA GLY A 15 -16.00 -1.85 -3.05
C GLY A 15 -17.03 -2.95 -3.34
N ARG A 16 -17.95 -2.66 -4.33
CA ARG A 16 -19.12 -3.53 -4.49
C ARG A 16 -18.68 -4.94 -5.01
N TYR A 17 -17.52 -4.96 -5.73
CA TYR A 17 -16.87 -6.20 -6.17
C TYR A 17 -15.60 -6.54 -5.34
N THR A 18 -15.43 -5.78 -4.21
CA THR A 18 -14.53 -6.23 -3.13
C THR A 18 -13.05 -6.32 -3.57
N ASN A 19 -12.63 -5.28 -4.38
CA ASN A 19 -11.20 -5.06 -4.62
C ASN A 19 -10.62 -4.22 -3.47
N LYS A 20 -9.28 -4.41 -3.24
CA LYS A 20 -8.50 -3.58 -2.33
C LYS A 20 -7.03 -3.68 -2.78
N ASP A 21 -6.29 -2.55 -2.56
CA ASP A 21 -4.87 -2.44 -2.89
C ASP A 21 -4.00 -2.33 -1.61
N SER A 22 -2.92 -3.16 -1.59
CA SER A 22 -1.77 -2.98 -0.68
C SER A 22 -0.64 -2.29 -1.48
N ASP A 23 0.45 -1.93 -0.74
CA ASP A 23 1.66 -1.35 -1.32
C ASP A 23 2.80 -1.50 -0.28
N THR A 24 4.07 -1.31 -0.75
CA THR A 24 5.16 -1.03 0.19
C THR A 24 5.55 0.45 0.02
N ASP A 25 6.41 0.92 0.99
CA ASP A 25 7.00 2.26 0.94
C ASP A 25 8.42 2.23 0.36
N HIS A 26 9.21 1.17 0.73
CA HIS A 26 10.59 0.99 0.25
C HIS A 26 11.56 2.03 0.83
N ARG A 27 11.24 2.48 2.09
CA ARG A 27 12.23 3.12 2.94
C ARG A 27 11.74 3.11 4.40
N GLU A 28 12.75 3.00 5.32
CA GLU A 28 12.66 3.40 6.71
C GLU A 28 13.71 4.54 6.84
N ASP A 29 14.20 4.77 8.10
CA ASP A 29 15.21 5.76 8.41
C ASP A 29 14.69 7.13 8.14
N HIS A 1 20.64 -1.12 5.27
CA HIS A 1 19.56 -2.16 5.22
C HIS A 1 18.20 -1.43 5.20
N THR A 2 18.27 -0.27 4.47
CA THR A 2 17.27 0.77 4.61
C THR A 2 15.91 0.46 3.91
N ASP A 3 14.81 0.72 4.70
CA ASP A 3 13.56 1.30 4.19
C ASP A 3 12.82 1.82 5.45
N GLY A 4 11.93 2.84 5.25
CA GLY A 4 10.92 3.14 6.26
C GLY A 4 9.70 2.27 5.97
N GLN A 5 9.83 0.95 6.37
CA GLN A 5 8.93 -0.07 5.82
C GLN A 5 7.58 -0.05 6.59
N THR A 6 6.75 0.96 6.19
CA THR A 6 5.34 1.10 6.60
C THR A 6 4.46 0.23 5.65
N ASN A 7 3.13 0.61 5.53
CA ASN A 7 2.21 -0.21 4.75
C ASN A 7 0.92 0.59 4.48
N THR A 8 0.70 0.84 3.14
CA THR A 8 -0.52 1.46 2.64
C THR A 8 -1.49 0.35 2.19
N VAL A 9 -2.82 0.65 2.35
CA VAL A 9 -3.90 -0.26 1.98
C VAL A 9 -5.00 0.60 1.34
N THR A 10 -5.71 0.00 0.33
CA THR A 10 -6.66 0.74 -0.50
C THR A 10 -8.01 -0.02 -0.59
N ASP A 11 -9.02 0.69 -1.22
CA ASP A 11 -10.37 0.15 -1.38
C ASP A 11 -10.94 0.66 -2.73
N GLY A 12 -10.11 0.47 -3.81
CA GLY A 12 -10.39 1.13 -5.08
C GLY A 12 -9.89 0.49 -6.38
N GLY A 13 -9.06 -0.60 -6.26
CA GLY A 13 -8.27 -1.03 -7.42
C GLY A 13 -9.00 -1.80 -8.53
N ASP A 14 -10.18 -2.40 -8.17
CA ASP A 14 -11.00 -3.14 -9.13
C ASP A 14 -12.35 -2.44 -9.39
N GLY A 15 -13.37 -3.32 -9.06
CA GLY A 15 -14.77 -3.00 -9.26
C GLY A 15 -15.47 -2.55 -7.98
N ARG A 16 -14.72 -1.82 -7.08
CA ARG A 16 -14.28 -2.51 -5.88
C ARG A 16 -15.32 -3.46 -5.20
N TYR A 17 -15.38 -4.70 -5.78
CA TYR A 17 -16.14 -5.82 -5.21
C TYR A 17 -15.41 -7.18 -5.32
N THR A 18 -14.08 -7.08 -5.70
CA THR A 18 -13.24 -8.25 -5.93
C THR A 18 -11.77 -7.84 -5.64
N ASN A 19 -11.66 -6.76 -4.79
CA ASN A 19 -10.43 -6.01 -4.62
C ASN A 19 -9.81 -6.19 -3.22
N LYS A 20 -8.43 -6.11 -3.21
CA LYS A 20 -7.69 -5.56 -2.08
C LYS A 20 -6.33 -5.06 -2.61
N ASP A 21 -6.34 -3.72 -2.94
CA ASP A 21 -5.13 -3.01 -3.33
C ASP A 21 -4.32 -2.71 -2.04
N SER A 22 -2.97 -2.56 -2.22
CA SER A 22 -2.04 -2.36 -1.10
C SER A 22 -0.68 -1.89 -1.63
N ASP A 23 0.19 -1.47 -0.67
CA ASP A 23 1.42 -0.75 -0.99
C ASP A 23 2.36 -0.75 0.24
N THR A 24 3.67 -0.49 -0.05
CA THR A 24 4.68 -0.23 1.00
C THR A 24 5.05 1.25 0.81
N ASP A 25 5.51 1.89 1.93
CA ASP A 25 5.63 3.36 1.94
C ASP A 25 6.80 3.82 1.05
N HIS A 26 7.92 3.02 1.07
CA HIS A 26 9.01 3.12 0.08
C HIS A 26 9.79 4.45 0.30
N ARG A 27 10.47 4.53 1.49
CA ARG A 27 11.01 5.80 1.95
C ARG A 27 12.29 6.23 1.18
N GLU A 28 12.53 7.60 1.27
CA GLU A 28 13.74 8.20 0.70
C GLU A 28 14.93 7.79 1.62
N ASP A 29 15.60 6.66 1.18
CA ASP A 29 16.66 6.02 1.98
C ASP A 29 17.73 5.54 1.07
N HIS A 1 18.68 5.19 10.37
CA HIS A 1 18.69 3.70 10.20
C HIS A 1 17.55 3.26 9.28
N THR A 2 17.37 4.15 8.24
CA THR A 2 16.09 4.28 7.60
C THR A 2 15.84 3.28 6.43
N ASP A 3 16.17 1.97 6.69
CA ASP A 3 16.15 0.93 5.65
C ASP A 3 14.68 0.60 5.26
N GLY A 4 14.53 0.23 3.93
CA GLY A 4 13.52 -0.76 3.60
C GLY A 4 12.16 -0.22 3.16
N GLN A 5 11.13 -1.11 3.45
CA GLN A 5 9.84 -1.05 2.76
C GLN A 5 8.94 0.07 3.36
N THR A 6 7.87 0.40 2.57
CA THR A 6 6.59 0.91 3.06
C THR A 6 5.51 0.01 2.44
N ASN A 7 4.40 -0.20 3.21
CA ASN A 7 3.28 -1.03 2.74
C ASN A 7 2.03 -0.13 2.83
N THR A 8 1.03 -0.40 1.92
CA THR A 8 -0.21 0.36 1.87
C THR A 8 -1.36 -0.60 1.52
N VAL A 9 -2.58 -0.24 2.04
CA VAL A 9 -3.77 -1.06 1.88
C VAL A 9 -4.96 -0.11 1.65
N THR A 10 -5.93 -0.58 0.80
CA THR A 10 -7.12 0.23 0.48
C THR A 10 -8.38 -0.67 0.58
N ASP A 11 -9.57 0.00 0.45
CA ASP A 11 -10.91 -0.52 0.75
C ASP A 11 -11.65 -1.18 -0.44
N GLY A 12 -11.06 -0.99 -1.66
CA GLY A 12 -11.71 -1.21 -2.93
C GLY A 12 -11.58 0.00 -3.87
N GLY A 13 -11.52 1.23 -3.25
CA GLY A 13 -11.29 2.46 -3.97
C GLY A 13 -12.55 2.93 -4.71
N ASP A 14 -12.76 2.26 -5.89
CA ASP A 14 -13.99 2.46 -6.64
C ASP A 14 -15.12 1.57 -6.13
N GLY A 15 -15.79 1.09 -7.22
CA GLY A 15 -16.94 0.23 -7.11
C GLY A 15 -16.46 -1.13 -6.61
N ARG A 16 -17.38 -1.80 -5.84
CA ARG A 16 -17.03 -2.98 -5.06
C ARG A 16 -17.06 -4.29 -5.90
N TYR A 17 -16.30 -4.22 -7.05
CA TYR A 17 -15.92 -5.44 -7.79
C TYR A 17 -14.73 -6.12 -7.07
N THR A 18 -13.96 -5.28 -6.29
CA THR A 18 -13.01 -5.79 -5.31
C THR A 18 -13.21 -4.95 -4.03
N ASN A 19 -12.67 -5.51 -2.89
CA ASN A 19 -12.54 -4.77 -1.64
C ASN A 19 -11.07 -4.75 -1.17
N LYS A 20 -10.14 -5.01 -2.15
CA LYS A 20 -8.72 -5.16 -1.87
C LYS A 20 -7.89 -4.63 -3.05
N ASP A 21 -7.81 -3.24 -3.05
CA ASP A 21 -6.57 -2.62 -3.49
C ASP A 21 -5.55 -2.75 -2.34
N SER A 22 -4.24 -2.83 -2.76
CA SER A 22 -3.08 -2.85 -1.86
C SER A 22 -1.92 -2.23 -2.64
N ASP A 23 -0.79 -1.95 -1.92
CA ASP A 23 0.31 -1.17 -2.48
C ASP A 23 1.59 -1.39 -1.65
N THR A 24 2.76 -1.09 -2.32
CA THR A 24 4.06 -1.13 -1.64
C THR A 24 4.84 0.12 -2.07
N ASP A 25 5.96 0.37 -1.33
CA ASP A 25 6.80 1.56 -1.46
C ASP A 25 8.12 1.27 -0.71
N HIS A 26 9.04 2.29 -0.70
CA HIS A 26 10.33 2.18 -0.02
C HIS A 26 10.72 3.58 0.49
N ARG A 27 11.68 3.58 1.48
CA ARG A 27 12.46 4.77 1.77
C ARG A 27 13.68 4.80 0.81
N GLU A 28 14.31 6.02 0.76
CA GLU A 28 15.74 6.13 0.43
C GLU A 28 16.29 6.92 1.65
N ASP A 29 17.31 6.30 2.31
CA ASP A 29 18.10 6.94 3.36
C ASP A 29 19.01 5.95 4.00
N HIS A 1 21.54 2.18 5.54
CA HIS A 1 20.68 1.05 5.00
C HIS A 1 19.26 1.11 5.57
N THR A 2 19.03 2.34 6.15
CA THR A 2 17.72 2.82 6.54
C THR A 2 17.01 3.43 5.32
N ASP A 3 16.51 2.50 4.42
CA ASP A 3 15.11 2.65 4.03
C ASP A 3 14.55 1.34 3.41
N GLY A 4 13.21 1.40 3.07
CA GLY A 4 12.47 0.20 2.75
C GLY A 4 11.39 0.41 1.69
N GLN A 5 10.21 -0.25 1.95
CA GLN A 5 9.13 -0.35 0.99
C GLN A 5 7.78 -0.74 1.66
N THR A 6 7.31 0.19 2.59
CA THR A 6 6.13 -0.13 3.40
C THR A 6 4.93 -0.55 2.52
N ASN A 7 4.19 -1.60 3.03
CA ASN A 7 2.98 -2.11 2.38
C ASN A 7 1.78 -1.47 3.10
N THR A 8 1.41 -0.23 2.63
CA THR A 8 0.11 0.33 3.01
C THR A 8 -1.00 -0.49 2.31
N VAL A 9 -2.25 -0.44 2.90
CA VAL A 9 -3.42 -0.98 2.21
C VAL A 9 -4.06 0.17 1.40
N THR A 10 -4.76 -0.18 0.28
CA THR A 10 -5.53 0.79 -0.49
C THR A 10 -7.02 0.36 -0.53
N ASP A 11 -7.91 1.39 -0.73
CA ASP A 11 -9.36 1.18 -0.86
C ASP A 11 -9.72 1.33 -2.36
N GLY A 12 -9.38 0.24 -3.12
CA GLY A 12 -9.45 0.33 -4.56
C GLY A 12 -9.06 -1.00 -5.21
N GLY A 13 -8.45 -0.87 -6.43
CA GLY A 13 -7.86 -2.00 -7.14
C GLY A 13 -8.71 -2.48 -8.32
N ASP A 14 -10.04 -2.13 -8.26
CA ASP A 14 -10.94 -2.35 -9.37
C ASP A 14 -12.31 -1.83 -8.96
N GLY A 15 -13.19 -2.86 -8.97
CA GLY A 15 -14.55 -2.72 -8.45
C GLY A 15 -14.48 -2.90 -6.95
N ARG A 16 -15.13 -1.95 -6.20
CA ARG A 16 -15.06 -1.87 -4.73
C ARG A 16 -16.16 -2.76 -4.08
N TYR A 17 -16.37 -3.98 -4.72
CA TYR A 17 -17.01 -5.10 -4.02
C TYR A 17 -15.83 -5.73 -3.25
N THR A 18 -15.61 -5.13 -2.02
CA THR A 18 -14.40 -5.32 -1.20
C THR A 18 -13.26 -4.54 -1.89
N ASN A 19 -12.34 -3.96 -1.06
CA ASN A 19 -11.11 -3.40 -1.61
C ASN A 19 -10.19 -4.55 -2.06
N LYS A 20 -9.10 -4.18 -2.80
CA LYS A 20 -8.23 -5.18 -3.42
C LYS A 20 -6.96 -4.52 -3.98
N ASP A 21 -6.28 -3.73 -3.07
CA ASP A 21 -4.94 -3.22 -3.37
C ASP A 21 -4.10 -3.04 -2.09
N SER A 22 -2.75 -3.16 -2.31
CA SER A 22 -1.77 -2.54 -1.41
C SER A 22 -1.30 -1.26 -2.12
N ASP A 23 -0.71 -0.32 -1.29
CA ASP A 23 0.26 0.64 -1.81
C ASP A 23 1.65 -0.02 -1.67
N THR A 24 2.67 0.62 -2.34
CA THR A 24 4.01 0.61 -1.71
C THR A 24 4.22 2.07 -1.27
N ASP A 25 5.02 2.27 -0.17
CA ASP A 25 5.27 3.61 0.34
C ASP A 25 6.68 4.11 -0.03
N HIS A 26 7.72 3.27 0.27
CA HIS A 26 9.11 3.71 0.20
C HIS A 26 9.37 4.87 1.19
N ARG A 27 9.11 4.56 2.51
CA ARG A 27 9.66 5.33 3.62
C ARG A 27 9.41 4.51 4.92
N GLU A 28 10.32 3.50 5.15
CA GLU A 28 10.35 2.76 6.41
C GLU A 28 11.09 3.62 7.47
N ASP A 29 12.25 4.23 7.02
CA ASP A 29 12.99 5.14 7.89
C ASP A 29 12.30 6.45 7.94
N HIS A 1 17.12 6.88 10.55
CA HIS A 1 15.64 6.63 10.65
C HIS A 1 15.17 6.15 9.27
N THR A 2 16.13 5.34 8.68
CA THR A 2 16.25 5.27 7.23
C THR A 2 15.45 4.10 6.61
N ASP A 3 15.61 2.86 7.17
CA ASP A 3 15.30 1.61 6.47
C ASP A 3 13.87 1.05 6.80
N GLY A 4 13.63 -0.28 6.51
CA GLY A 4 12.37 -0.88 6.94
C GLY A 4 11.26 -0.65 5.90
N GLN A 5 11.45 -1.33 4.70
CA GLN A 5 10.57 -1.07 3.56
C GLN A 5 9.11 -1.45 3.93
N THR A 6 8.22 -0.41 3.79
CA THR A 6 6.81 -0.54 4.13
C THR A 6 6.04 -1.02 2.89
N ASN A 7 4.99 -1.87 3.17
CA ASN A 7 3.96 -2.19 2.18
C ASN A 7 2.72 -1.40 2.62
N THR A 8 1.77 -1.23 1.64
CA THR A 8 0.57 -0.43 1.83
C THR A 8 -0.62 -1.16 1.17
N VAL A 9 -1.82 -0.98 1.82
CA VAL A 9 -3.09 -1.48 1.29
C VAL A 9 -4.07 -0.30 1.26
N THR A 10 -5.08 -0.41 0.33
CA THR A 10 -6.00 0.71 0.08
C THR A 10 -7.32 0.13 -0.46
N ASP A 11 -8.42 0.94 -0.25
CA ASP A 11 -9.61 0.92 -1.13
C ASP A 11 -10.30 2.29 -0.81
N GLY A 12 -11.66 2.37 -0.96
CA GLY A 12 -12.37 3.63 -1.10
C GLY A 12 -12.95 3.78 -2.53
N GLY A 13 -12.44 2.90 -3.45
CA GLY A 13 -12.96 2.77 -4.80
C GLY A 13 -13.89 1.56 -4.99
N ASP A 14 -14.37 0.99 -3.83
CA ASP A 14 -15.11 -0.25 -3.83
C ASP A 14 -16.48 -0.16 -4.51
N GLY A 15 -17.46 -0.43 -3.61
CA GLY A 15 -18.88 -0.49 -3.94
C GLY A 15 -19.21 -1.88 -4.49
N ARG A 16 -18.40 -2.29 -5.54
CA ARG A 16 -18.16 -3.71 -5.71
C ARG A 16 -17.22 -4.05 -4.53
N TYR A 17 -17.64 -5.08 -3.71
CA TYR A 17 -16.86 -5.35 -2.49
C TYR A 17 -15.51 -6.00 -2.86
N THR A 18 -15.53 -6.76 -4.01
CA THR A 18 -14.39 -7.57 -4.45
C THR A 18 -13.38 -6.62 -5.12
N ASN A 19 -12.60 -5.91 -4.24
CA ASN A 19 -11.71 -4.84 -4.68
C ASN A 19 -10.63 -4.63 -3.59
N LYS A 20 -9.43 -4.15 -4.08
CA LYS A 20 -8.45 -3.53 -3.19
C LYS A 20 -7.32 -2.94 -4.07
N ASP A 21 -6.73 -1.79 -3.59
CA ASP A 21 -5.43 -1.33 -4.06
C ASP A 21 -4.35 -1.81 -3.06
N SER A 22 -3.07 -1.81 -3.56
CA SER A 22 -1.91 -2.10 -2.70
C SER A 22 -0.68 -1.42 -3.32
N ASP A 23 0.43 -1.41 -2.52
CA ASP A 23 1.51 -0.45 -2.76
C ASP A 23 2.74 -0.83 -1.91
N THR A 24 3.92 -0.34 -2.39
CA THR A 24 5.09 -0.15 -1.54
C THR A 24 5.03 1.32 -1.04
N ASP A 25 5.81 1.60 0.06
CA ASP A 25 6.14 2.98 0.44
C ASP A 25 7.53 3.39 -0.10
N HIS A 26 8.50 2.43 0.07
CA HIS A 26 9.92 2.61 -0.26
C HIS A 26 10.69 3.39 0.83
N ARG A 27 11.86 2.76 1.18
CA ARG A 27 12.75 3.15 2.28
C ARG A 27 14.22 2.74 1.98
N GLU A 28 14.58 2.74 0.65
CA GLU A 28 15.84 2.16 0.20
C GLU A 28 16.97 3.23 0.29
N ASP A 29 17.16 3.72 1.57
CA ASP A 29 18.23 4.65 1.88
C ASP A 29 19.53 3.96 2.09
N HIS A 1 19.57 3.07 8.60
CA HIS A 1 19.37 1.61 8.24
C HIS A 1 17.95 1.45 7.66
N THR A 2 17.60 2.58 6.95
CA THR A 2 16.20 2.90 6.70
C THR A 2 15.63 2.19 5.46
N ASP A 3 15.71 0.80 5.48
CA ASP A 3 14.75 -0.02 4.73
C ASP A 3 13.71 -0.58 5.77
N GLY A 4 13.10 -1.78 5.45
CA GLY A 4 11.85 -2.20 6.03
C GLY A 4 10.65 -1.92 5.09
N GLN A 5 10.77 -2.39 3.79
CA GLN A 5 9.79 -2.07 2.75
C GLN A 5 8.42 -2.77 2.99
N THR A 6 7.62 -2.09 3.88
CA THR A 6 6.27 -2.53 4.21
C THR A 6 5.33 -2.25 3.01
N ASN A 7 4.15 -2.97 3.00
CA ASN A 7 3.12 -2.77 1.97
C ASN A 7 1.91 -2.11 2.66
N THR A 8 1.54 -0.90 2.15
CA THR A 8 0.30 -0.23 2.55
C THR A 8 -0.84 -0.71 1.60
N VAL A 9 -2.11 -0.60 2.14
CA VAL A 9 -3.30 -0.73 1.31
C VAL A 9 -4.14 0.54 1.49
N THR A 10 -5.05 0.76 0.48
CA THR A 10 -5.94 1.92 0.48
C THR A 10 -7.38 1.44 0.17
N ASP A 11 -8.36 2.33 0.56
CA ASP A 11 -9.75 2.17 0.14
C ASP A 11 -10.24 3.49 -0.49
N GLY A 12 -9.51 3.84 -1.63
CA GLY A 12 -10.11 4.74 -2.60
C GLY A 12 -11.19 3.92 -3.32
N GLY A 13 -12.46 4.14 -2.83
CA GLY A 13 -13.46 3.08 -2.93
C GLY A 13 -13.90 2.70 -4.34
N ASP A 14 -13.12 1.72 -4.90
CA ASP A 14 -13.38 1.29 -6.26
C ASP A 14 -14.56 0.33 -6.38
N GLY A 15 -14.35 -0.38 -7.52
CA GLY A 15 -15.37 -1.21 -8.13
C GLY A 15 -15.44 -2.60 -7.52
N ARG A 16 -14.28 -3.36 -7.58
CA ARG A 16 -14.29 -4.78 -7.28
C ARG A 16 -14.21 -5.05 -5.74
N TYR A 17 -15.13 -4.39 -4.99
CA TYR A 17 -15.26 -4.47 -3.53
C TYR A 17 -14.15 -3.59 -2.88
N THR A 18 -14.17 -2.27 -3.32
CA THR A 18 -13.58 -1.16 -2.54
C THR A 18 -12.03 -1.25 -2.49
N ASN A 19 -11.48 -1.83 -1.35
CA ASN A 19 -10.07 -1.67 -0.99
C ASN A 19 -9.15 -2.52 -1.88
N LYS A 20 -8.79 -1.95 -3.07
CA LYS A 20 -7.86 -2.59 -4.00
C LYS A 20 -6.96 -1.54 -4.67
N ASP A 21 -6.60 -0.48 -3.85
CA ASP A 21 -5.37 0.26 -4.08
C ASP A 21 -4.31 -0.23 -3.07
N SER A 22 -3.01 -0.13 -3.51
CA SER A 22 -1.86 -0.57 -2.72
C SER A 22 -0.77 0.51 -2.82
N ASP A 23 0.26 0.34 -1.93
CA ASP A 23 1.34 1.33 -1.75
C ASP A 23 2.48 0.63 -1.01
N THR A 24 3.70 1.28 -0.98
CA THR A 24 4.66 0.91 0.06
C THR A 24 4.61 1.98 1.17
N ASP A 25 5.48 1.78 2.20
CA ASP A 25 5.41 2.54 3.46
C ASP A 25 6.12 3.89 3.32
N HIS A 26 7.12 3.90 2.37
CA HIS A 26 7.82 5.14 2.01
C HIS A 26 8.73 5.66 3.16
N ARG A 27 9.38 4.59 3.81
CA ARG A 27 10.82 4.71 4.00
C ARG A 27 11.40 4.65 2.58
N GLU A 28 12.64 5.21 2.36
CA GLU A 28 13.18 5.23 0.99
C GLU A 28 14.69 5.52 1.08
N ASP A 29 15.38 4.64 1.90
CA ASP A 29 16.76 4.90 2.27
C ASP A 29 17.48 3.66 2.64
N HIS A 1 18.72 4.14 4.04
CA HIS A 1 19.30 3.07 3.12
C HIS A 1 18.90 1.67 3.61
N THR A 2 18.25 1.75 4.82
CA THR A 2 17.31 0.76 5.28
C THR A 2 15.98 0.99 4.54
N ASP A 3 15.18 -0.13 4.36
CA ASP A 3 14.04 -0.04 3.45
C ASP A 3 12.79 0.68 4.03
N GLY A 4 12.91 1.32 5.26
CA GLY A 4 12.17 0.72 6.37
C GLY A 4 10.69 0.58 6.01
N GLN A 5 10.26 -0.73 5.91
CA GLN A 5 9.19 -1.12 4.99
C GLN A 5 7.85 -0.35 5.19
N THR A 6 7.79 0.84 4.45
CA THR A 6 6.60 1.66 4.56
C THR A 6 5.46 0.88 3.90
N ASN A 7 4.27 0.93 4.59
CA ASN A 7 3.08 0.19 4.19
C ASN A 7 1.97 1.21 3.88
N THR A 8 1.01 0.77 3.00
CA THR A 8 -0.12 1.61 2.59
C THR A 8 -1.35 0.70 2.38
N VAL A 9 -2.57 1.35 2.45
CA VAL A 9 -3.83 0.65 2.25
C VAL A 9 -4.68 1.52 1.30
N THR A 10 -4.78 1.05 0.01
CA THR A 10 -5.60 1.71 -1.00
C THR A 10 -7.07 1.38 -0.68
N ASP A 11 -7.68 2.22 0.24
CA ASP A 11 -9.02 1.93 0.75
C ASP A 11 -10.04 2.39 -0.34
N GLY A 12 -10.11 1.54 -1.42
CA GLY A 12 -10.89 1.83 -2.61
C GLY A 12 -12.36 1.44 -2.42
N GLY A 13 -13.02 2.10 -1.41
CA GLY A 13 -14.15 1.49 -0.71
C GLY A 13 -15.46 1.29 -1.47
N ASP A 14 -15.48 1.71 -2.78
CA ASP A 14 -16.53 1.31 -3.70
C ASP A 14 -16.26 -0.12 -4.13
N GLY A 15 -15.56 -0.08 -5.30
CA GLY A 15 -14.89 -1.24 -5.87
C GLY A 15 -15.75 -1.87 -6.96
N ARG A 16 -15.33 -3.11 -7.37
CA ARG A 16 -15.89 -3.73 -8.58
C ARG A 16 -15.78 -5.28 -8.61
N TYR A 17 -15.34 -5.83 -7.43
CA TYR A 17 -15.23 -7.29 -7.20
C TYR A 17 -14.74 -7.43 -5.74
N THR A 18 -13.83 -6.46 -5.38
CA THR A 18 -13.25 -6.30 -4.06
C THR A 18 -13.02 -4.78 -3.96
N ASN A 19 -12.71 -4.30 -2.71
CA ASN A 19 -12.71 -2.85 -2.44
C ASN A 19 -11.69 -2.43 -1.37
N LYS A 20 -10.67 -3.32 -1.18
CA LYS A 20 -9.48 -3.02 -0.39
C LYS A 20 -8.28 -3.29 -1.32
N ASP A 21 -7.07 -2.84 -0.86
CA ASP A 21 -5.79 -3.25 -1.44
C ASP A 21 -4.78 -3.21 -0.28
N SER A 22 -3.52 -3.71 -0.56
CA SER A 22 -2.37 -3.26 0.23
C SER A 22 -1.37 -2.64 -0.76
N ASP A 23 -0.42 -1.84 -0.19
CA ASP A 23 0.64 -1.20 -0.95
C ASP A 23 1.87 -1.05 -0.03
N THR A 24 3.04 -0.77 -0.67
CA THR A 24 4.34 -0.75 0.03
C THR A 24 5.20 0.34 -0.64
N ASP A 25 6.36 0.68 0.01
CA ASP A 25 7.19 1.79 -0.46
C ASP A 25 8.71 1.57 -0.49
N HIS A 26 9.29 0.87 0.53
CA HIS A 26 10.68 0.33 0.42
C HIS A 26 11.89 1.32 0.26
N ARG A 27 11.60 2.67 0.21
CA ARG A 27 12.69 3.63 -0.07
C ARG A 27 13.66 3.77 1.14
N GLU A 28 14.58 4.77 1.09
CA GLU A 28 15.66 4.95 2.05
C GLU A 28 15.17 5.26 3.49
N ASP A 29 16.09 5.09 4.50
CA ASP A 29 15.79 5.38 5.88
C ASP A 29 16.00 6.83 6.17
N HIS A 1 14.96 -2.12 8.72
CA HIS A 1 14.06 -1.01 8.23
C HIS A 1 14.63 -0.50 6.91
N THR A 2 15.32 -1.49 6.25
CA THR A 2 16.12 -1.28 5.07
C THR A 2 15.80 -2.34 3.99
N ASP A 3 14.48 -2.77 4.07
CA ASP A 3 13.67 -2.69 2.84
C ASP A 3 13.44 -1.17 2.65
N GLY A 4 13.42 -0.72 1.35
CA GLY A 4 13.29 0.68 1.02
C GLY A 4 11.85 1.21 0.96
N GLN A 5 10.85 0.27 0.85
CA GLN A 5 9.46 0.68 0.68
C GLN A 5 8.76 1.11 2.01
N THR A 6 7.55 1.73 1.79
CA THR A 6 6.46 1.87 2.75
C THR A 6 5.24 1.39 1.96
N ASN A 7 4.85 0.09 2.18
CA ASN A 7 3.66 -0.43 1.49
C ASN A 7 2.44 0.08 2.28
N THR A 8 1.32 0.34 1.53
CA THR A 8 0.13 0.97 2.11
C THR A 8 -1.13 0.35 1.48
N VAL A 9 -2.22 0.34 2.32
CA VAL A 9 -3.53 -0.17 1.93
C VAL A 9 -4.59 0.82 2.48
N THR A 10 -5.76 0.89 1.76
CA THR A 10 -6.77 1.91 2.03
C THR A 10 -8.16 1.34 1.62
N ASP A 11 -9.24 1.88 2.29
CA ASP A 11 -10.64 1.59 1.89
C ASP A 11 -11.18 2.91 1.28
N GLY A 12 -11.02 3.00 -0.10
CA GLY A 12 -11.33 4.25 -0.74
C GLY A 12 -11.02 4.31 -2.24
N GLY A 13 -10.79 3.10 -2.89
CA GLY A 13 -10.62 3.14 -4.34
C GLY A 13 -10.03 1.92 -5.04
N ASP A 14 -10.50 0.68 -4.66
CA ASP A 14 -10.42 -0.44 -5.60
C ASP A 14 -11.13 -1.65 -5.07
N GLY A 15 -10.27 -2.73 -5.12
CA GLY A 15 -10.71 -4.04 -4.69
C GLY A 15 -11.70 -4.58 -5.71
N ARG A 16 -12.79 -5.26 -5.19
CA ARG A 16 -13.93 -5.56 -6.05
C ARG A 16 -15.15 -6.04 -5.24
N TYR A 17 -14.86 -6.91 -4.21
CA TYR A 17 -15.91 -7.40 -3.30
C TYR A 17 -15.81 -6.57 -2.02
N THR A 18 -14.63 -6.71 -1.33
CA THR A 18 -14.18 -5.65 -0.42
C THR A 18 -13.55 -4.55 -1.31
N ASN A 19 -13.35 -3.35 -0.64
CA ASN A 19 -12.55 -2.27 -1.23
C ASN A 19 -11.06 -2.63 -0.99
N LYS A 20 -10.14 -1.88 -1.68
CA LYS A 20 -8.71 -2.09 -1.47
C LYS A 20 -7.92 -1.09 -2.34
N ASP A 21 -7.94 0.25 -1.97
CA ASP A 21 -6.86 1.08 -2.52
C ASP A 21 -5.54 0.56 -1.92
N SER A 22 -4.41 0.85 -2.66
CA SER A 22 -3.12 0.32 -2.27
C SER A 22 -2.03 1.22 -2.87
N ASP A 23 -0.80 1.13 -2.25
CA ASP A 23 0.20 2.16 -2.42
C ASP A 23 1.58 1.64 -1.99
N THR A 24 2.64 2.37 -2.47
CA THR A 24 4.02 1.96 -2.22
C THR A 24 4.87 3.26 -2.19
N ASP A 25 4.86 3.88 -0.96
CA ASP A 25 5.84 4.94 -0.68
C ASP A 25 7.24 4.28 -0.53
N HIS A 26 8.28 5.14 -0.35
CA HIS A 26 9.66 4.68 -0.34
C HIS A 26 10.55 5.67 0.42
N ARG A 27 11.77 5.16 0.80
CA ARG A 27 12.65 5.76 1.80
C ARG A 27 14.12 5.35 1.49
N GLU A 28 15.02 6.05 2.25
CA GLU A 28 16.34 5.53 2.59
C GLU A 28 16.24 4.59 3.84
N ASP A 29 17.46 4.11 4.29
CA ASP A 29 17.56 3.30 5.50
C ASP A 29 18.89 3.45 6.13
N HIS A 1 16.44 1.83 8.99
CA HIS A 1 17.16 0.55 9.35
C HIS A 1 16.72 -0.56 8.39
N THR A 2 16.51 -0.06 7.13
CA THR A 2 15.78 -0.78 6.10
C THR A 2 16.19 -0.30 4.68
N ASP A 3 15.76 -1.14 3.68
CA ASP A 3 15.92 -0.89 2.24
C ASP A 3 14.78 -0.05 1.62
N GLY A 4 13.94 0.56 2.53
CA GLY A 4 12.81 1.33 2.11
C GLY A 4 11.59 0.46 1.77
N GLN A 5 11.50 -0.73 2.46
CA GLN A 5 10.36 -1.62 2.30
C GLN A 5 9.12 -1.16 3.13
N THR A 6 8.87 0.21 3.18
CA THR A 6 7.61 0.67 3.75
C THR A 6 6.50 0.26 2.75
N ASN A 7 5.33 -0.15 3.34
CA ASN A 7 4.24 -0.71 2.55
C ASN A 7 2.92 -0.19 3.10
N THR A 8 1.88 -0.23 2.20
CA THR A 8 0.54 0.24 2.55
C THR A 8 -0.48 -0.77 2.02
N VAL A 9 -1.58 -0.93 2.82
CA VAL A 9 -2.84 -1.51 2.31
C VAL A 9 -3.76 -0.31 2.05
N THR A 10 -4.78 -0.51 1.16
CA THR A 10 -5.80 0.50 0.88
C THR A 10 -7.16 -0.22 0.79
N ASP A 11 -8.22 0.57 1.16
CA ASP A 11 -9.60 0.11 1.26
C ASP A 11 -10.30 0.03 -0.12
N GLY A 12 -10.06 1.06 -0.98
CA GLY A 12 -10.64 1.12 -2.31
C GLY A 12 -12.00 1.82 -2.45
N GLY A 13 -12.65 2.18 -1.29
CA GLY A 13 -13.79 3.09 -1.28
C GLY A 13 -15.14 2.48 -1.67
N ASP A 14 -15.14 1.68 -2.80
CA ASP A 14 -16.38 1.18 -3.35
C ASP A 14 -16.23 0.19 -4.50
N GLY A 15 -17.24 0.44 -5.38
CA GLY A 15 -17.54 -0.42 -6.51
C GLY A 15 -18.13 -1.69 -5.90
N ARG A 16 -17.29 -2.78 -5.97
CA ARG A 16 -17.38 -3.89 -5.00
C ARG A 16 -16.04 -4.65 -5.05
N TYR A 17 -14.94 -3.83 -5.14
CA TYR A 17 -13.59 -4.35 -5.44
C TYR A 17 -12.61 -3.62 -4.50
N THR A 18 -12.93 -3.76 -3.17
CA THR A 18 -12.39 -2.89 -2.15
C THR A 18 -11.06 -3.44 -1.57
N ASN A 19 -11.20 -4.39 -0.55
CA ASN A 19 -10.33 -4.27 0.63
C ASN A 19 -8.93 -4.93 0.50
N LYS A 20 -8.29 -4.76 -0.70
CA LYS A 20 -6.87 -5.03 -0.82
C LYS A 20 -6.28 -4.35 -2.09
N ASP A 21 -6.51 -2.99 -2.19
CA ASP A 21 -5.50 -2.20 -2.89
C ASP A 21 -4.27 -2.14 -1.95
N SER A 22 -3.09 -1.74 -2.52
CA SER A 22 -1.86 -1.70 -1.73
C SER A 22 -0.80 -0.85 -2.43
N ASP A 23 0.28 -0.55 -1.66
CA ASP A 23 1.38 0.32 -2.08
C ASP A 23 2.67 -0.22 -1.46
N THR A 24 3.82 0.16 -2.13
CA THR A 24 5.17 0.01 -1.56
C THR A 24 5.79 1.40 -1.73
N ASP A 25 6.52 1.87 -0.67
CA ASP A 25 6.96 3.26 -0.59
C ASP A 25 8.34 3.52 -1.25
N HIS A 26 9.31 2.59 -0.98
CA HIS A 26 10.70 2.70 -1.48
C HIS A 26 11.35 3.97 -0.91
N ARG A 27 11.24 4.10 0.46
CA ARG A 27 11.36 5.40 1.11
C ARG A 27 11.79 5.28 2.59
N GLU A 28 11.53 6.38 3.36
CA GLU A 28 12.17 6.62 4.65
C GLU A 28 11.66 5.57 5.66
N ASP A 29 12.63 4.69 6.10
CA ASP A 29 12.30 3.57 6.99
C ASP A 29 11.66 4.06 8.24
N HIS A 1 21.99 -0.23 4.53
CA HIS A 1 22.05 -1.45 5.42
C HIS A 1 20.84 -1.45 6.37
N THR A 2 19.73 -0.89 5.78
CA THR A 2 18.48 -0.69 6.48
C THR A 2 17.28 -1.07 5.58
N ASP A 3 16.15 -1.44 6.28
CA ASP A 3 14.88 -1.65 5.59
C ASP A 3 14.26 -0.24 5.36
N GLY A 4 13.63 -0.10 4.14
CA GLY A 4 13.06 1.12 3.66
C GLY A 4 11.54 1.08 3.44
N GLN A 5 10.85 0.05 4.04
CA GLN A 5 9.43 -0.16 3.73
C GLN A 5 8.54 0.82 4.55
N THR A 6 7.75 1.66 3.81
CA THR A 6 6.44 2.09 4.33
C THR A 6 5.39 1.13 3.70
N ASN A 7 4.07 1.51 3.75
CA ASN A 7 3.00 0.56 3.42
C ASN A 7 1.73 1.30 2.99
N THR A 8 1.55 1.42 1.63
CA THR A 8 0.33 1.98 1.06
C THR A 8 -0.70 0.86 0.88
N VAL A 9 -2.02 1.26 0.99
CA VAL A 9 -3.13 0.35 0.74
C VAL A 9 -4.09 1.02 -0.26
N THR A 10 -4.87 0.14 -0.97
CA THR A 10 -5.88 0.56 -1.93
C THR A 10 -7.01 -0.47 -1.83
N ASP A 11 -7.68 -0.42 -0.63
CA ASP A 11 -8.79 -1.31 -0.28
C ASP A 11 -10.15 -0.82 -0.86
N GLY A 12 -10.23 0.53 -1.12
CA GLY A 12 -11.52 1.14 -1.39
C GLY A 12 -12.05 0.90 -2.81
N GLY A 13 -13.03 1.80 -3.18
CA GLY A 13 -13.74 1.74 -4.45
C GLY A 13 -15.22 1.98 -4.19
N ASP A 14 -16.08 1.08 -4.79
CA ASP A 14 -17.50 1.11 -4.49
C ASP A 14 -17.85 0.28 -3.25
N GLY A 15 -18.82 -0.62 -3.59
CA GLY A 15 -19.44 -1.52 -2.63
C GLY A 15 -18.90 -2.94 -2.77
N ARG A 16 -19.55 -3.71 -3.73
CA ARG A 16 -19.02 -5.02 -4.08
C ARG A 16 -17.72 -4.90 -4.89
N TYR A 17 -17.71 -3.86 -5.80
CA TYR A 17 -16.56 -3.60 -6.66
C TYR A 17 -15.67 -2.60 -5.89
N THR A 18 -14.93 -3.17 -4.87
CA THR A 18 -13.75 -2.47 -4.34
C THR A 18 -12.52 -3.17 -4.95
N ASN A 19 -11.36 -2.43 -4.97
CA ASN A 19 -10.08 -3.10 -5.24
C ASN A 19 -9.56 -3.62 -3.90
N LYS A 20 -8.59 -4.61 -3.96
CA LYS A 20 -7.88 -5.05 -2.78
C LYS A 20 -6.36 -4.95 -3.05
N ASP A 21 -5.95 -3.71 -3.55
CA ASP A 21 -4.53 -3.47 -3.81
C ASP A 21 -3.76 -3.02 -2.54
N SER A 22 -2.39 -3.13 -2.68
CA SER A 22 -1.46 -2.70 -1.65
C SER A 22 -0.15 -2.31 -2.36
N ASP A 23 0.76 -1.63 -1.57
CA ASP A 23 1.94 -1.00 -2.15
C ASP A 23 2.97 -0.75 -1.05
N THR A 24 4.27 -0.65 -1.48
CA THR A 24 5.32 -0.15 -0.57
C THR A 24 5.42 1.38 -0.76
N ASP A 25 6.27 1.99 0.12
CA ASP A 25 6.71 3.38 0.00
C ASP A 25 8.13 3.42 0.63
N HIS A 26 8.83 4.59 0.49
CA HIS A 26 10.24 4.68 0.90
C HIS A 26 10.35 5.18 2.36
N ARG A 27 11.57 4.91 2.95
CA ARG A 27 12.06 5.66 4.10
C ARG A 27 13.49 6.08 3.70
N GLU A 28 13.87 7.35 4.07
CA GLU A 28 15.19 7.87 3.72
C GLU A 28 16.18 7.31 4.77
N ASP A 29 16.59 6.01 4.50
CA ASP A 29 17.17 5.19 5.56
C ASP A 29 18.51 5.67 5.96
N HIS A 1 21.84 -0.26 5.80
CA HIS A 1 21.77 -1.60 5.12
C HIS A 1 20.32 -1.95 4.75
N THR A 2 19.47 -0.90 5.01
CA THR A 2 18.17 -0.73 4.38
C THR A 2 17.11 -1.65 5.03
N ASP A 3 17.02 -1.46 6.40
CA ASP A 3 15.70 -1.47 7.06
C ASP A 3 14.99 -0.15 6.64
N GLY A 4 13.66 -0.05 6.99
CA GLY A 4 12.93 1.19 6.89
C GLY A 4 12.13 1.32 5.59
N GLN A 5 11.54 0.15 5.16
CA GLN A 5 10.43 0.16 4.21
C GLN A 5 9.09 0.34 4.97
N THR A 6 8.02 0.66 4.18
CA THR A 6 6.68 0.85 4.71
C THR A 6 5.67 0.31 3.66
N ASN A 7 4.46 -0.12 4.17
CA ASN A 7 3.34 -0.50 3.33
C ASN A 7 2.21 0.52 3.58
N THR A 8 1.53 0.91 2.44
CA THR A 8 0.27 1.65 2.48
C THR A 8 -0.83 0.68 1.98
N VAL A 9 -2.08 0.91 2.50
CA VAL A 9 -3.25 0.20 2.00
C VAL A 9 -4.28 1.23 1.50
N THR A 10 -5.20 0.73 0.62
CA THR A 10 -6.28 1.56 0.07
C THR A 10 -7.53 0.69 -0.06
N ASP A 11 -8.72 1.37 0.06
CA ASP A 11 -10.01 0.69 0.06
C ASP A 11 -10.82 1.36 -1.05
N GLY A 12 -10.41 0.99 -2.31
CA GLY A 12 -10.98 1.61 -3.49
C GLY A 12 -12.41 1.14 -3.78
N GLY A 13 -12.98 1.74 -4.89
CA GLY A 13 -14.39 1.56 -5.12
C GLY A 13 -14.78 0.12 -5.51
N ASP A 14 -16.06 -0.22 -5.14
CA ASP A 14 -16.66 -1.48 -5.52
C ASP A 14 -17.38 -1.35 -6.87
N GLY A 15 -18.55 -2.05 -6.81
CA GLY A 15 -19.54 -1.99 -7.86
C GLY A 15 -20.25 -3.34 -8.03
N ARG A 16 -19.43 -4.43 -8.27
CA ARG A 16 -19.95 -5.79 -8.40
C ARG A 16 -18.87 -6.80 -7.97
N TYR A 17 -18.08 -6.34 -6.95
CA TYR A 17 -16.83 -6.97 -6.53
C TYR A 17 -16.40 -6.21 -5.25
N THR A 18 -15.52 -6.88 -4.43
CA THR A 18 -14.85 -6.16 -3.34
C THR A 18 -13.57 -5.55 -3.91
N ASN A 19 -12.84 -4.77 -3.04
CA ASN A 19 -11.58 -4.13 -3.41
C ASN A 19 -10.66 -4.19 -2.19
N LYS A 20 -9.32 -4.05 -2.46
CA LYS A 20 -8.30 -3.97 -1.43
C LYS A 20 -6.98 -3.62 -2.15
N ASP A 21 -6.82 -2.28 -2.41
CA ASP A 21 -5.59 -1.81 -3.04
C ASP A 21 -4.46 -1.71 -1.98
N SER A 22 -3.19 -1.67 -2.50
CA SER A 22 -2.00 -1.64 -1.66
C SER A 22 -0.94 -0.78 -2.35
N ASP A 23 0.10 -0.41 -1.54
CA ASP A 23 1.15 0.53 -1.96
C ASP A 23 2.37 0.35 -1.05
N THR A 24 3.51 1.01 -1.45
CA THR A 24 4.80 0.83 -0.78
C THR A 24 5.37 2.23 -0.51
N ASP A 25 6.27 2.29 0.53
CA ASP A 25 6.92 3.51 0.99
C ASP A 25 8.27 3.12 1.62
N HIS A 26 9.07 4.17 1.99
CA HIS A 26 10.36 3.92 2.65
C HIS A 26 10.89 5.21 3.31
N ARG A 27 11.98 5.02 4.12
CA ARG A 27 12.94 6.07 4.46
C ARG A 27 14.21 5.81 3.63
N GLU A 28 14.15 6.29 2.33
CA GLU A 28 15.39 6.55 1.58
C GLU A 28 16.17 5.24 1.29
N ASP A 29 15.33 4.17 1.07
CA ASP A 29 15.81 2.79 1.05
C ASP A 29 14.84 1.98 0.29
N HIS A 1 22.22 -1.12 6.35
CA HIS A 1 21.84 -2.22 5.41
C HIS A 1 20.30 -2.42 5.55
N THR A 2 19.68 -1.20 5.71
CA THR A 2 18.32 -1.12 6.22
C THR A 2 17.26 -1.37 5.14
N ASP A 3 16.01 -1.74 5.64
CA ASP A 3 14.83 -1.62 4.80
C ASP A 3 14.29 -0.17 4.92
N GLY A 4 13.09 0.06 4.27
CA GLY A 4 12.40 1.32 4.47
C GLY A 4 10.98 1.22 3.92
N GLN A 5 10.24 0.17 4.41
CA GLN A 5 8.86 -0.06 3.99
C GLN A 5 7.86 0.88 4.70
N THR A 6 6.60 0.90 4.11
CA THR A 6 5.48 1.65 4.64
C THR A 6 4.19 0.84 4.43
N ASN A 7 3.15 1.16 5.30
CA ASN A 7 1.84 0.54 5.07
C ASN A 7 1.13 1.32 3.95
N THR A 8 0.21 0.57 3.24
CA THR A 8 -0.34 1.06 1.97
C THR A 8 -1.56 0.18 1.69
N VAL A 9 -2.76 0.86 1.59
CA VAL A 9 -3.98 0.23 1.08
C VAL A 9 -4.60 1.30 0.16
N THR A 10 -5.29 0.85 -0.94
CA THR A 10 -6.21 1.75 -1.67
C THR A 10 -7.45 0.93 -2.04
N ASP A 11 -8.63 1.66 -2.07
CA ASP A 11 -9.96 1.02 -2.07
C ASP A 11 -10.64 1.08 -3.46
N GLY A 12 -9.80 0.83 -4.52
CA GLY A 12 -10.31 0.90 -5.88
C GLY A 12 -11.13 -0.36 -6.21
N GLY A 13 -12.31 -0.10 -6.86
CA GLY A 13 -13.27 -1.15 -7.11
C GLY A 13 -14.56 -0.55 -7.69
N ASP A 14 -15.62 -1.43 -7.74
CA ASP A 14 -16.97 -0.93 -7.97
C ASP A 14 -17.62 -0.80 -6.61
N GLY A 15 -18.33 -1.94 -6.40
CA GLY A 15 -18.60 -2.44 -5.06
C GLY A 15 -17.27 -3.00 -4.53
N ARG A 16 -17.27 -3.26 -3.18
CA ARG A 16 -16.07 -3.81 -2.51
C ARG A 16 -16.08 -5.34 -2.67
N TYR A 17 -15.73 -5.75 -3.95
CA TYR A 17 -15.05 -7.04 -4.14
C TYR A 17 -13.58 -6.79 -3.72
N THR A 18 -12.70 -7.82 -3.95
CA THR A 18 -11.33 -7.75 -3.42
C THR A 18 -10.61 -6.51 -3.98
N ASN A 19 -10.16 -5.63 -3.01
CA ASN A 19 -9.97 -4.22 -3.33
C ASN A 19 -8.70 -4.11 -4.20
N LYS A 20 -8.75 -3.14 -5.19
CA LYS A 20 -7.92 -3.32 -6.37
C LYS A 20 -7.49 -2.01 -7.05
N ASP A 21 -6.95 -1.08 -6.16
CA ASP A 21 -5.68 -0.47 -6.55
C ASP A 21 -4.54 -1.40 -6.06
N SER A 22 -4.06 -1.16 -4.79
CA SER A 22 -2.75 -1.59 -4.32
C SER A 22 -1.77 -0.46 -4.66
N ASP A 23 -1.43 0.31 -3.58
CA ASP A 23 -0.29 1.25 -3.62
C ASP A 23 1.01 0.44 -3.45
N THR A 24 2.15 1.15 -3.72
CA THR A 24 3.44 0.78 -3.11
C THR A 24 3.88 2.03 -2.32
N ASP A 25 5.01 1.90 -1.56
CA ASP A 25 5.59 3.04 -0.86
C ASP A 25 7.09 2.77 -0.63
N HIS A 26 7.78 3.80 -0.07
CA HIS A 26 9.03 3.55 0.66
C HIS A 26 9.21 4.72 1.66
N ARG A 27 10.33 4.63 2.44
CA ARG A 27 10.75 5.59 3.45
C ARG A 27 12.29 5.65 3.32
N GLU A 28 12.95 6.54 4.13
CA GLU A 28 14.32 6.26 4.57
C GLU A 28 14.23 5.28 5.78
N ASP A 29 15.41 4.67 6.16
CA ASP A 29 15.37 3.53 7.08
C ASP A 29 14.86 3.94 8.41
N HIS A 1 18.94 4.67 9.09
CA HIS A 1 18.52 3.49 9.91
C HIS A 1 17.07 3.14 9.53
N THR A 2 16.82 3.50 8.22
CA THR A 2 15.46 3.81 7.80
C THR A 2 14.76 2.62 7.12
N ASP A 3 15.41 1.41 7.20
CA ASP A 3 15.24 0.34 6.21
C ASP A 3 13.82 -0.32 6.18
N GLY A 4 13.51 -0.92 4.97
CA GLY A 4 12.63 -2.07 4.91
C GLY A 4 11.74 -2.08 3.66
N GLN A 5 10.47 -2.55 3.90
CA GLN A 5 9.40 -2.51 2.90
C GLN A 5 8.19 -1.79 3.54
N THR A 6 7.17 -1.49 2.68
CA THR A 6 5.88 -0.94 3.09
C THR A 6 4.82 -1.37 2.04
N ASN A 7 3.52 -1.39 2.51
CA ASN A 7 2.37 -1.62 1.63
C ASN A 7 1.32 -0.56 1.98
N THR A 8 1.11 0.40 1.02
CA THR A 8 -0.02 1.31 1.08
C THR A 8 -1.27 0.59 0.54
N VAL A 9 -2.47 1.06 1.03
CA VAL A 9 -3.75 0.54 0.54
C VAL A 9 -4.45 1.64 -0.30
N THR A 10 -5.29 1.13 -1.26
CA THR A 10 -5.95 1.92 -2.29
C THR A 10 -7.45 1.75 -2.09
N ASP A 11 -7.94 2.48 -1.02
CA ASP A 11 -9.15 2.06 -0.27
C ASP A 11 -10.39 1.88 -1.19
N GLY A 12 -10.74 2.99 -1.93
CA GLY A 12 -11.70 2.91 -3.01
C GLY A 12 -13.16 3.02 -2.57
N GLY A 13 -13.77 4.23 -2.88
CA GLY A 13 -15.18 4.45 -2.63
C GLY A 13 -15.96 3.94 -3.83
N ASP A 14 -16.72 2.81 -3.62
CA ASP A 14 -17.55 2.22 -4.66
C ASP A 14 -18.18 0.94 -4.12
N GLY A 15 -17.98 -0.07 -5.02
CA GLY A 15 -18.40 -1.44 -4.79
C GLY A 15 -17.36 -2.20 -3.96
N ARG A 16 -16.06 -2.10 -4.41
CA ARG A 16 -14.90 -2.56 -3.64
C ARG A 16 -14.71 -4.10 -3.67
N TYR A 17 -15.37 -4.76 -4.69
CA TYR A 17 -15.73 -6.18 -4.48
C TYR A 17 -14.51 -7.10 -4.37
N THR A 18 -13.42 -6.73 -5.12
CA THR A 18 -12.18 -7.51 -5.17
C THR A 18 -10.97 -6.56 -5.01
N ASN A 19 -11.21 -5.41 -4.27
CA ASN A 19 -10.21 -4.36 -4.15
C ASN A 19 -9.21 -4.61 -3.00
N LYS A 20 -8.53 -5.81 -3.07
CA LYS A 20 -7.26 -5.93 -2.36
C LYS A 20 -6.15 -5.36 -3.26
N ASP A 21 -6.22 -4.01 -3.51
CA ASP A 21 -5.10 -3.35 -4.18
C ASP A 21 -3.87 -3.34 -3.23
N SER A 22 -2.73 -2.79 -3.75
CA SER A 22 -1.46 -2.75 -3.02
C SER A 22 -0.59 -1.73 -3.76
N ASP A 23 -0.46 -0.51 -3.13
CA ASP A 23 0.71 0.31 -3.49
C ASP A 23 1.85 -0.22 -2.60
N THR A 24 3.07 -0.32 -3.21
CA THR A 24 4.25 -0.78 -2.48
C THR A 24 5.15 0.43 -2.21
N ASP A 25 6.12 0.20 -1.27
CA ASP A 25 7.12 1.19 -0.87
C ASP A 25 8.26 0.41 -0.19
N HIS A 26 9.45 1.09 -0.13
CA HIS A 26 10.69 0.48 0.36
C HIS A 26 10.82 0.96 1.84
N ARG A 27 11.97 1.64 2.18
CA ARG A 27 11.80 3.02 2.59
C ARG A 27 12.56 3.91 1.61
N GLU A 28 11.97 5.13 1.40
CA GLU A 28 12.51 6.09 0.45
C GLU A 28 13.32 7.12 1.29
N ASP A 29 14.18 6.55 2.20
CA ASP A 29 15.09 7.33 3.03
C ASP A 29 16.39 7.57 2.36
N HIS A 1 11.68 5.84 10.07
CA HIS A 1 10.81 5.21 9.00
C HIS A 1 11.69 4.98 7.76
N THR A 2 13.01 4.72 8.16
CA THR A 2 14.06 5.17 7.27
C THR A 2 14.14 4.29 6.01
N ASP A 3 14.17 2.94 6.25
CA ASP A 3 14.56 1.96 5.22
C ASP A 3 13.36 1.07 4.82
N GLY A 4 13.23 0.89 3.46
CA GLY A 4 12.68 -0.32 2.92
C GLY A 4 11.17 -0.49 3.10
N GLN A 5 10.85 -1.28 4.18
CA GLN A 5 9.56 -1.91 4.33
C GLN A 5 8.59 -1.11 5.24
N THR A 6 8.55 0.24 4.92
CA THR A 6 7.31 0.99 5.16
C THR A 6 6.26 0.32 4.25
N ASN A 7 4.96 0.41 4.65
CA ASN A 7 3.93 -0.36 3.98
C ASN A 7 2.57 0.32 4.07
N THR A 8 1.67 -0.12 3.12
CA THR A 8 0.48 0.63 2.77
C THR A 8 -0.63 -0.35 2.37
N VAL A 9 -1.91 0.10 2.61
CA VAL A 9 -3.11 -0.67 2.33
C VAL A 9 -4.11 0.29 1.66
N THR A 10 -4.92 -0.26 0.70
CA THR A 10 -5.80 0.55 -0.14
C THR A 10 -7.08 -0.23 -0.42
N ASP A 11 -7.92 -0.35 0.67
CA ASP A 11 -9.30 -0.87 0.57
C ASP A 11 -10.23 0.28 0.09
N GLY A 12 -9.73 1.00 -0.99
CA GLY A 12 -10.47 2.09 -1.59
C GLY A 12 -11.46 1.50 -2.60
N GLY A 13 -12.72 1.31 -2.09
CA GLY A 13 -13.75 0.71 -2.91
C GLY A 13 -14.22 1.69 -4.00
N ASP A 14 -14.59 1.07 -5.18
CA ASP A 14 -15.12 1.85 -6.29
C ASP A 14 -16.64 1.75 -6.28
N GLY A 15 -17.01 0.94 -7.31
CA GLY A 15 -18.32 0.34 -7.39
C GLY A 15 -18.30 -0.90 -6.49
N ARG A 16 -19.37 -1.77 -6.69
CA ARG A 16 -19.37 -3.05 -5.99
C ARG A 16 -18.50 -4.03 -6.80
N TYR A 17 -17.14 -3.84 -6.61
CA TYR A 17 -16.13 -4.66 -7.26
C TYR A 17 -14.90 -4.69 -6.33
N THR A 18 -14.07 -5.77 -6.54
CA THR A 18 -13.00 -6.13 -5.60
C THR A 18 -11.72 -5.34 -5.94
N ASN A 19 -11.70 -4.03 -5.46
CA ASN A 19 -10.38 -3.46 -5.17
C ASN A 19 -9.99 -4.03 -3.79
N LYS A 20 -8.64 -4.18 -3.59
CA LYS A 20 -8.04 -4.67 -2.35
C LYS A 20 -6.53 -4.43 -2.50
N ASP A 21 -6.18 -3.15 -2.90
CA ASP A 21 -4.79 -2.81 -3.15
C ASP A 21 -3.98 -2.77 -1.83
N SER A 22 -2.63 -2.92 -1.99
CA SER A 22 -1.67 -2.89 -0.87
C SER A 22 -0.29 -2.62 -1.49
N ASP A 23 0.71 -2.31 -0.60
CA ASP A 23 1.94 -1.68 -1.07
C ASP A 23 3.05 -1.78 0.00
N THR A 24 4.33 -1.84 -0.54
CA THR A 24 5.51 -1.49 0.27
C THR A 24 5.93 -0.08 -0.22
N ASP A 25 6.92 0.54 0.51
CA ASP A 25 7.51 1.79 0.05
C ASP A 25 8.67 1.44 -0.91
N HIS A 26 9.64 0.62 -0.35
CA HIS A 26 11.05 0.76 -0.71
C HIS A 26 11.59 2.13 -0.27
N ARG A 27 12.92 2.12 0.08
CA ARG A 27 13.61 3.30 0.60
C ARG A 27 14.96 2.79 1.11
N GLU A 28 16.01 3.63 0.83
CA GLU A 28 17.39 3.22 1.09
C GLU A 28 17.98 4.46 1.80
N ASP A 29 17.97 4.39 3.18
CA ASP A 29 17.76 5.61 3.98
C ASP A 29 18.95 6.49 4.00
N HIS A 1 18.61 2.69 10.61
CA HIS A 1 17.39 3.46 11.06
C HIS A 1 16.57 3.90 9.83
N THR A 2 16.87 3.10 8.75
CA THR A 2 16.54 3.52 7.39
C THR A 2 15.05 3.21 7.10
N ASP A 3 14.62 2.05 7.68
CA ASP A 3 13.44 1.29 7.25
C ASP A 3 12.20 1.78 8.08
N GLY A 4 11.26 0.82 8.38
CA GLY A 4 9.93 1.21 8.74
C GLY A 4 9.22 1.64 7.45
N GLN A 5 9.02 0.61 6.53
CA GLN A 5 8.46 0.95 5.24
C GLN A 5 7.06 1.59 5.41
N THR A 6 6.81 2.68 4.60
CA THR A 6 5.49 3.31 4.54
C THR A 6 4.60 2.51 3.57
N ASN A 7 4.44 1.19 3.92
CA ASN A 7 3.62 0.27 3.13
C ASN A 7 2.13 0.56 3.40
N THR A 8 1.33 0.46 2.29
CA THR A 8 -0.05 0.93 2.31
C THR A 8 -0.89 0.09 1.32
N VAL A 9 -2.21 -0.04 1.66
CA VAL A 9 -3.20 -0.70 0.82
C VAL A 9 -4.37 0.29 0.68
N THR A 10 -5.06 0.24 -0.50
CA THR A 10 -6.18 1.14 -0.79
C THR A 10 -7.28 0.32 -1.52
N ASP A 11 -8.54 0.88 -1.53
CA ASP A 11 -9.61 0.26 -2.29
C ASP A 11 -9.69 0.87 -3.71
N GLY A 12 -10.12 2.17 -3.75
CA GLY A 12 -10.42 2.86 -5.00
C GLY A 12 -11.82 3.49 -5.00
N GLY A 13 -12.65 3.11 -3.96
CA GLY A 13 -14.02 3.58 -3.87
C GLY A 13 -15.04 2.66 -4.55
N ASP A 14 -14.72 1.32 -4.55
CA ASP A 14 -15.67 0.32 -4.95
C ASP A 14 -16.50 -0.24 -3.80
N GLY A 15 -16.67 -1.58 -4.06
CA GLY A 15 -17.67 -2.40 -3.41
C GLY A 15 -17.02 -3.68 -2.87
N ARG A 16 -17.65 -4.85 -3.27
CA ARG A 16 -17.09 -6.16 -2.96
C ARG A 16 -16.32 -6.75 -4.19
N TYR A 17 -15.80 -5.82 -5.05
CA TYR A 17 -14.85 -6.13 -6.11
C TYR A 17 -13.55 -5.38 -5.77
N THR A 18 -13.18 -5.54 -4.45
CA THR A 18 -12.35 -4.57 -3.68
C THR A 18 -10.86 -4.59 -4.10
N ASN A 19 -10.13 -3.54 -3.61
CA ASN A 19 -8.66 -3.46 -3.55
C ASN A 19 -8.00 -3.30 -4.93
N LYS A 20 -8.13 -2.04 -5.49
CA LYS A 20 -7.56 -1.68 -6.79
C LYS A 20 -6.41 -0.66 -6.65
N ASP A 21 -5.77 -0.64 -5.43
CA ASP A 21 -4.56 0.14 -5.22
C ASP A 21 -3.77 -0.37 -3.99
N SER A 22 -2.41 -0.15 -4.08
CA SER A 22 -1.48 -0.43 -2.98
C SER A 22 -0.32 0.57 -3.14
N ASP A 23 0.60 0.60 -2.11
CA ASP A 23 1.57 1.68 -2.00
C ASP A 23 2.73 1.27 -1.08
N THR A 24 3.88 1.99 -1.28
CA THR A 24 5.08 1.84 -0.44
C THR A 24 5.87 3.17 -0.52
N ASP A 25 7.05 3.20 0.17
CA ASP A 25 7.93 4.37 0.14
C ASP A 25 9.44 4.05 0.26
N HIS A 26 9.81 2.81 -0.19
CA HIS A 26 11.13 2.54 -0.79
C HIS A 26 12.37 2.97 0.01
N ARG A 27 12.54 2.29 1.20
CA ARG A 27 13.75 2.45 2.01
C ARG A 27 14.20 1.08 2.58
N GLU A 28 14.20 0.09 1.61
CA GLU A 28 14.31 -1.33 1.94
C GLU A 28 15.75 -1.63 2.45
N ASP A 29 15.92 -1.53 3.81
CA ASP A 29 17.24 -1.67 4.40
C ASP A 29 17.50 -3.10 4.74
N HIS A 1 8.06 0.95 7.51
CA HIS A 1 9.06 -0.06 7.00
C HIS A 1 9.98 0.69 6.04
N THR A 2 10.49 1.81 6.65
CA THR A 2 11.03 2.93 5.88
C THR A 2 12.15 2.59 4.89
N ASP A 3 12.98 1.55 5.25
CA ASP A 3 14.09 1.18 4.36
C ASP A 3 13.59 0.05 3.45
N GLY A 4 13.65 0.35 2.10
CA GLY A 4 13.31 -0.61 1.07
C GLY A 4 11.82 -0.60 0.69
N GLN A 5 10.98 0.06 1.55
CA GLN A 5 9.53 -0.09 1.57
C GLN A 5 8.96 1.16 2.31
N THR A 6 7.63 1.09 2.67
CA THR A 6 7.16 1.82 3.84
C THR A 6 6.10 0.93 4.50
N ASN A 7 5.85 1.18 5.84
CA ASN A 7 4.71 0.54 6.48
C ASN A 7 3.42 1.10 5.82
N THR A 8 2.56 0.14 5.33
CA THR A 8 1.60 0.52 4.28
C THR A 8 0.49 -0.53 4.23
N VAL A 9 -0.77 -0.02 3.95
CA VAL A 9 -1.90 -0.89 3.67
C VAL A 9 -2.94 -0.05 2.89
N THR A 10 -3.73 -0.76 2.00
CA THR A 10 -5.07 -0.30 1.65
C THR A 10 -5.99 -1.51 1.80
N ASP A 11 -7.32 -1.24 1.92
CA ASP A 11 -8.34 -2.21 1.48
C ASP A 11 -8.76 -1.70 0.07
N GLY A 12 -9.40 -0.49 0.03
CA GLY A 12 -9.94 0.11 -1.18
C GLY A 12 -11.19 0.97 -0.97
N GLY A 13 -11.94 0.74 0.15
CA GLY A 13 -13.02 1.61 0.62
C GLY A 13 -14.35 1.47 -0.16
N ASP A 14 -14.20 1.61 -1.52
CA ASP A 14 -15.25 1.24 -2.45
C ASP A 14 -15.01 -0.20 -2.85
N GLY A 15 -14.28 -0.20 -4.01
CA GLY A 15 -13.69 -1.40 -4.57
C GLY A 15 -14.55 -1.88 -5.73
N ARG A 16 -14.32 -3.19 -6.12
CA ARG A 16 -14.82 -3.67 -7.41
C ARG A 16 -15.03 -5.19 -7.32
N TYR A 17 -15.88 -5.56 -6.29
CA TYR A 17 -16.22 -6.96 -5.99
C TYR A 17 -14.99 -7.66 -5.36
N THR A 18 -14.15 -6.77 -4.73
CA THR A 18 -12.88 -7.10 -4.07
C THR A 18 -12.33 -5.73 -3.63
N ASN A 19 -11.56 -5.76 -2.50
CA ASN A 19 -11.09 -4.57 -1.78
C ASN A 19 -9.77 -4.91 -1.09
N LYS A 20 -8.77 -5.35 -1.95
CA LYS A 20 -7.43 -5.62 -1.49
C LYS A 20 -6.44 -4.94 -2.45
N ASP A 21 -6.37 -3.57 -2.29
CA ASP A 21 -5.26 -2.80 -2.85
C ASP A 21 -3.99 -2.97 -2.00
N SER A 22 -2.84 -2.56 -2.66
CA SER A 22 -1.63 -2.21 -1.93
C SER A 22 -1.46 -0.68 -2.07
N ASP A 23 -0.52 -0.16 -1.22
CA ASP A 23 0.00 1.21 -1.26
C ASP A 23 1.36 1.24 -1.97
N THR A 24 2.33 0.35 -1.50
CA THR A 24 3.57 0.14 -2.27
C THR A 24 4.41 1.43 -2.42
N ASP A 25 4.68 2.07 -1.22
CA ASP A 25 5.80 3.01 -1.13
C ASP A 25 7.13 2.23 -1.04
N HIS A 26 8.22 2.95 -1.43
CA HIS A 26 9.60 2.48 -1.28
C HIS A 26 10.44 3.72 -0.97
N ARG A 27 11.49 3.53 -0.11
CA ARG A 27 12.33 4.66 0.33
C ARG A 27 13.69 4.11 0.86
N GLU A 28 14.68 5.06 0.93
CA GLU A 28 16.01 4.89 1.52
C GLU A 28 16.01 5.57 2.92
N ASP A 29 15.78 4.74 3.99
CA ASP A 29 15.70 5.27 5.35
C ASP A 29 16.89 4.90 6.15
N HIS A 1 20.34 3.20 1.92
CA HIS A 1 20.21 1.70 1.79
C HIS A 1 19.43 1.12 2.98
N THR A 2 19.06 2.12 3.85
CA THR A 2 18.20 1.96 5.01
C THR A 2 16.74 2.08 4.57
N ASP A 3 16.31 1.09 3.70
CA ASP A 3 14.93 0.99 3.26
C ASP A 3 14.38 -0.44 3.48
N GLY A 4 13.04 -0.58 3.20
CA GLY A 4 12.28 -1.75 3.56
C GLY A 4 10.99 -1.80 2.74
N GLN A 5 9.83 -1.84 3.48
CA GLN A 5 8.51 -1.91 2.87
C GLN A 5 7.41 -1.33 3.80
N THR A 6 7.52 0.03 4.10
CA THR A 6 6.50 0.63 4.97
C THR A 6 5.12 0.49 4.26
N ASN A 7 4.31 -0.48 4.81
CA ASN A 7 3.10 -0.94 4.13
C ASN A 7 1.96 0.06 4.40
N THR A 8 1.91 1.17 3.56
CA THR A 8 0.71 1.99 3.55
C THR A 8 -0.44 1.14 2.94
N VAL A 9 -1.72 1.51 3.29
CA VAL A 9 -2.88 0.85 2.70
C VAL A 9 -3.43 1.74 1.56
N THR A 10 -3.71 1.08 0.39
CA THR A 10 -4.46 1.69 -0.70
C THR A 10 -5.88 1.10 -0.56
N ASP A 11 -6.80 1.94 0.05
CA ASP A 11 -7.93 1.25 0.71
C ASP A 11 -8.85 0.61 -0.35
N GLY A 12 -9.14 1.41 -1.44
CA GLY A 12 -9.78 0.85 -2.62
C GLY A 12 -11.29 0.64 -2.47
N GLY A 13 -11.64 -0.32 -1.55
CA GLY A 13 -13.00 -0.48 -1.05
C GLY A 13 -13.88 -1.21 -2.06
N ASP A 14 -14.40 -0.41 -3.05
CA ASP A 14 -15.21 -0.97 -4.11
C ASP A 14 -14.43 -1.47 -5.31
N GLY A 15 -15.17 -1.23 -6.43
CA GLY A 15 -14.71 -1.58 -7.76
C GLY A 15 -15.88 -2.14 -8.55
N ARG A 16 -16.32 -3.38 -8.16
CA ARG A 16 -17.68 -3.87 -8.48
C ARG A 16 -18.03 -4.89 -7.40
N TYR A 17 -17.11 -5.92 -7.27
CA TYR A 17 -16.96 -6.59 -5.98
C TYR A 17 -16.03 -5.66 -5.15
N THR A 18 -15.75 -6.12 -3.89
CA THR A 18 -14.87 -5.42 -2.96
C THR A 18 -13.41 -5.60 -3.45
N ASN A 19 -12.51 -4.68 -2.97
CA ASN A 19 -11.07 -4.82 -3.19
C ASN A 19 -10.31 -4.07 -2.08
N LYS A 20 -8.94 -4.25 -2.08
CA LYS A 20 -8.04 -3.68 -1.08
C LYS A 20 -6.63 -3.78 -1.70
N ASP A 21 -5.71 -2.85 -1.29
CA ASP A 21 -4.34 -2.88 -1.78
C ASP A 21 -3.38 -2.32 -0.71
N SER A 22 -2.06 -2.60 -0.93
CA SER A 22 -0.99 -1.95 -0.15
C SER A 22 -0.26 -0.97 -1.09
N ASP A 23 0.40 0.06 -0.44
CA ASP A 23 1.52 0.76 -1.06
C ASP A 23 2.82 0.11 -0.53
N THR A 24 3.95 0.51 -1.18
CA THR A 24 5.30 0.22 -0.67
C THR A 24 5.95 1.62 -0.62
N ASP A 25 6.15 2.12 0.65
CA ASP A 25 6.48 3.54 0.80
C ASP A 25 7.89 3.91 0.27
N HIS A 26 8.86 2.98 0.52
CA HIS A 26 10.28 3.09 0.16
C HIS A 26 10.96 4.26 0.91
N ARG A 27 11.00 4.09 2.27
CA ARG A 27 11.72 4.99 3.17
C ARG A 27 11.58 4.51 4.64
N GLU A 28 12.11 3.28 4.92
CA GLU A 28 11.86 2.66 6.23
C GLU A 28 12.65 3.42 7.32
N ASP A 29 13.94 3.77 6.98
CA ASP A 29 14.78 4.57 7.85
C ASP A 29 14.40 6.01 7.74
N HIS A 1 11.81 -3.24 4.10
CA HIS A 1 12.43 -3.81 5.36
C HIS A 1 13.82 -3.20 5.60
N THR A 2 14.17 -2.38 4.56
CA THR A 2 15.13 -1.29 4.69
C THR A 2 14.37 0.01 5.10
N ASP A 3 13.00 -0.07 5.06
CA ASP A 3 12.12 1.01 5.50
C ASP A 3 11.54 0.60 6.89
N GLY A 4 10.85 1.60 7.55
CA GLY A 4 9.98 1.26 8.67
C GLY A 4 8.60 0.74 8.24
N GLN A 5 8.27 0.97 6.93
CA GLN A 5 7.19 0.28 6.24
C GLN A 5 5.80 0.76 6.71
N THR A 6 5.58 2.12 6.52
CA THR A 6 4.21 2.67 6.58
C THR A 6 3.51 2.24 5.27
N ASN A 7 3.10 0.93 5.29
CA ASN A 7 2.61 0.24 4.10
C ASN A 7 1.12 0.57 3.87
N THR A 8 0.71 0.38 2.58
CA THR A 8 -0.61 0.82 2.13
C THR A 8 -1.14 -0.19 1.09
N VAL A 9 -2.51 -0.31 1.08
CA VAL A 9 -3.25 -1.15 0.15
C VAL A 9 -4.34 -0.22 -0.43
N THR A 10 -4.67 -0.44 -1.75
CA THR A 10 -5.61 0.44 -2.44
C THR A 10 -6.63 -0.40 -3.24
N ASP A 11 -7.82 0.23 -3.45
CA ASP A 11 -9.04 -0.43 -3.92
C ASP A 11 -9.23 -0.45 -5.45
N GLY A 12 -8.29 0.21 -6.21
CA GLY A 12 -8.69 1.47 -6.84
C GLY A 12 -9.95 1.40 -7.72
N GLY A 13 -10.92 2.33 -7.37
CA GLY A 13 -12.19 2.37 -8.07
C GLY A 13 -13.19 1.30 -7.60
N ASP A 14 -13.06 0.90 -6.30
CA ASP A 14 -14.00 0.08 -5.61
C ASP A 14 -14.22 -1.31 -6.18
N GLY A 15 -15.48 -1.68 -5.84
CA GLY A 15 -15.99 -3.04 -5.91
C GLY A 15 -15.81 -3.72 -4.55
N ARG A 16 -14.55 -3.63 -3.99
CA ARG A 16 -14.35 -3.80 -2.54
C ARG A 16 -14.56 -5.28 -2.08
N TYR A 17 -14.15 -6.21 -3.00
CA TYR A 17 -14.01 -7.64 -2.70
C TYR A 17 -12.63 -8.16 -3.15
N THR A 18 -11.71 -7.16 -3.36
CA THR A 18 -10.27 -7.37 -3.53
C THR A 18 -9.63 -5.96 -3.55
N ASN A 19 -8.25 -5.94 -3.54
CA ASN A 19 -7.48 -4.73 -3.80
C ASN A 19 -7.19 -4.65 -5.32
N LYS A 20 -6.57 -3.50 -5.75
CA LYS A 20 -6.04 -3.39 -7.11
C LYS A 20 -4.70 -2.64 -7.15
N ASP A 21 -4.10 -2.43 -5.93
CA ASP A 21 -2.89 -1.64 -5.76
C ASP A 21 -2.37 -1.79 -4.33
N SER A 22 -1.09 -1.37 -4.15
CA SER A 22 -0.40 -1.39 -2.85
C SER A 22 0.76 -0.37 -2.93
N ASP A 23 1.38 -0.11 -1.73
CA ASP A 23 2.23 1.07 -1.56
C ASP A 23 3.04 0.97 -0.26
N THR A 24 4.11 1.83 -0.19
CA THR A 24 4.82 2.11 1.07
C THR A 24 5.14 3.62 1.09
N ASP A 25 5.95 4.06 2.12
CA ASP A 25 5.97 5.46 2.50
C ASP A 25 7.36 6.05 2.82
N HIS A 26 8.43 5.40 2.28
CA HIS A 26 9.69 6.03 1.90
C HIS A 26 10.53 6.67 3.04
N ARG A 27 11.32 5.76 3.72
CA ARG A 27 12.70 6.12 4.06
C ARG A 27 13.54 6.01 2.75
N GLU A 28 14.85 6.42 2.88
CA GLU A 28 15.87 5.85 1.98
C GLU A 28 16.72 4.92 2.89
N ASP A 29 17.55 4.05 2.25
CA ASP A 29 18.16 2.92 2.93
C ASP A 29 19.42 2.52 2.27
#